data_2OG8
#
_entry.id   2OG8
#
_cell.length_a   62.690
_cell.length_b   80.070
_cell.length_c   132.060
_cell.angle_alpha   90.00
_cell.angle_beta   90.00
_cell.angle_gamma   90.00
#
_symmetry.space_group_name_H-M   'P 21 21 21'
#
loop_
_entity.id
_entity.type
_entity.pdbx_description
1 polymer 'Proto-oncogene tyrosine-protein kinase LCK'
2 non-polymer N-{2-[(N,N-DIETHYLGLYCYL)AMINO]-5-(TRIFLUOROMETHYL)PHENYL}-4-METHYL-3-[2-(METHYLAMINO)QUINAZOLIN-6-YL]BENZAMIDE
3 water water
#
_entity_poly.entity_id   1
_entity_poly.type   'polypeptide(L)'
_entity_poly.pdbx_seq_one_letter_code
;DEWEVPRETLKLVERLGAGQFGEVWMGYYNGHTKVAVKSLKQGSMSPDAFLAEANLMKQLQHQRLVRLYAVVTQEPIYII
TEYMENGSLVDFLKTPSGIKLTINKLLDMAAQIAEGMAFIEERNYIHRDLRAANILVSDTLSCKIADFGLARLIEDNEYT
AREGAKFPIKWTAPEAINYGTFTIKSDVWSFGILLTEIVTHGRIPYPGMTNPEVIQNLERGYRMVRPDNCPEELYQLMRL
CWKERPEDRPTFDYLRSVLEDFFTA
;
_entity_poly.pdbx_strand_id   A,B
#
loop_
_chem_comp.id
_chem_comp.type
_chem_comp.name
_chem_comp.formula
1N8 non-polymer N-{2-[(N,N-DIETHYLGLYCYL)AMINO]-5-(TRIFLUOROMETHYL)PHENYL}-4-METHYL-3-[2-(METHYLAMINO)QUINAZOLIN-6-YL]BENZAMIDE 'C30 H31 F3 N6 O2'
#
# COMPACT_ATOMS: atom_id res chain seq x y z
N GLU A 2 -21.52 -7.28 -1.55
CA GLU A 2 -20.68 -6.51 -2.52
C GLU A 2 -19.33 -7.19 -2.79
N TRP A 3 -19.10 -8.33 -2.12
CA TRP A 3 -17.84 -9.06 -2.27
C TRP A 3 -17.86 -10.17 -3.31
N GLU A 4 -19.06 -10.59 -3.69
CA GLU A 4 -19.24 -11.66 -4.65
C GLU A 4 -18.81 -11.24 -6.05
N VAL A 5 -18.16 -12.15 -6.76
CA VAL A 5 -17.71 -11.94 -8.14
C VAL A 5 -17.92 -13.22 -8.93
N PRO A 6 -18.25 -13.10 -10.21
CA PRO A 6 -18.45 -14.26 -11.07
C PRO A 6 -17.16 -15.07 -11.12
N ARG A 7 -17.28 -16.40 -11.06
CA ARG A 7 -16.09 -17.25 -11.10
C ARG A 7 -15.28 -17.01 -12.37
N GLU A 8 -15.98 -16.60 -13.44
CA GLU A 8 -15.35 -16.35 -14.73
C GLU A 8 -14.31 -15.25 -14.71
N THR A 9 -14.33 -14.42 -13.67
CA THR A 9 -13.35 -13.33 -13.56
C THR A 9 -11.99 -13.83 -13.10
N LEU A 10 -11.90 -15.12 -12.80
CA LEU A 10 -10.67 -15.67 -12.28
C LEU A 10 -9.99 -16.75 -13.13
N LYS A 11 -8.68 -16.77 -13.01
CA LYS A 11 -7.83 -17.74 -13.68
C LYS A 11 -6.77 -18.16 -12.67
N LEU A 12 -6.78 -19.43 -12.29
CA LEU A 12 -5.80 -19.95 -11.35
C LEU A 12 -4.55 -20.32 -12.16
N VAL A 13 -3.40 -19.77 -11.76
CA VAL A 13 -2.17 -20.01 -12.48
C VAL A 13 -1.23 -21.03 -11.84
N GLU A 14 -1.03 -20.91 -10.53
CA GLU A 14 -0.10 -21.79 -9.83
C GLU A 14 -0.63 -22.19 -8.47
N ARG A 15 -0.58 -23.47 -8.15
CA ARG A 15 -1.05 -23.89 -6.84
C ARG A 15 0.08 -23.73 -5.84
N LEU A 16 -0.11 -22.82 -4.89
CA LEU A 16 0.86 -22.54 -3.85
C LEU A 16 0.94 -23.63 -2.77
N GLY A 17 -0.20 -24.22 -2.43
CA GLY A 17 -0.22 -25.25 -1.42
C GLY A 17 -1.48 -26.07 -1.52
N ALA A 18 -1.53 -27.16 -0.75
CA ALA A 18 -2.68 -28.07 -0.74
C ALA A 18 -2.74 -28.80 0.59
N GLY A 19 -3.97 -29.06 1.06
CA GLY A 19 -4.15 -29.75 2.32
C GLY A 19 -5.54 -30.36 2.54
N GLN A 20 -5.79 -30.80 3.76
CA GLN A 20 -7.05 -31.41 4.19
C GLN A 20 -8.32 -30.70 3.75
N PHE A 21 -8.40 -29.39 4.02
CA PHE A 21 -9.61 -28.64 3.66
C PHE A 21 -9.66 -27.84 2.33
N GLY A 22 -8.71 -28.06 1.43
CA GLY A 22 -8.77 -27.31 0.18
C GLY A 22 -7.42 -26.92 -0.37
N GLU A 23 -7.39 -25.94 -1.28
CA GLU A 23 -6.12 -25.54 -1.89
C GLU A 23 -5.93 -24.03 -1.96
N VAL A 24 -4.67 -23.63 -2.15
CA VAL A 24 -4.32 -22.23 -2.26
C VAL A 24 -3.65 -22.00 -3.61
N TRP A 25 -4.15 -21.03 -4.37
CA TRP A 25 -3.56 -20.76 -5.67
C TRP A 25 -3.23 -19.31 -5.91
N MET A 26 -2.26 -19.09 -6.79
CA MET A 26 -1.90 -17.75 -7.19
C MET A 26 -2.70 -17.62 -8.48
N GLY A 27 -3.32 -16.48 -8.70
CA GLY A 27 -4.08 -16.29 -9.91
C GLY A 27 -4.20 -14.84 -10.34
N TYR A 28 -5.20 -14.55 -11.14
CA TYR A 28 -5.46 -13.21 -11.66
C TYR A 28 -6.95 -12.94 -11.71
N TYR A 29 -7.34 -11.73 -11.35
CA TYR A 29 -8.73 -11.34 -11.39
C TYR A 29 -8.89 -10.37 -12.55
N ASN A 30 -9.65 -10.78 -13.56
CA ASN A 30 -9.90 -9.96 -14.74
C ASN A 30 -8.60 -9.62 -15.48
N GLY A 31 -7.68 -10.57 -15.46
CA GLY A 31 -6.41 -10.41 -16.15
C GLY A 31 -5.53 -9.24 -15.80
N HIS A 32 -5.91 -8.41 -14.83
CA HIS A 32 -5.07 -7.29 -14.49
C HIS A 32 -4.55 -7.30 -13.06
N THR A 33 -5.21 -8.01 -12.15
CA THR A 33 -4.75 -8.05 -10.75
C THR A 33 -4.34 -9.43 -10.28
N LYS A 34 -3.12 -9.52 -9.77
CA LYS A 34 -2.61 -10.78 -9.24
C LYS A 34 -3.30 -11.02 -7.88
N VAL A 35 -3.67 -12.26 -7.60
CA VAL A 35 -4.34 -12.59 -6.35
C VAL A 35 -4.03 -13.99 -5.86
N ALA A 36 -4.26 -14.20 -4.57
CA ALA A 36 -4.08 -15.49 -3.94
C ALA A 36 -5.51 -15.99 -3.76
N VAL A 37 -5.73 -17.28 -3.92
CA VAL A 37 -7.07 -17.80 -3.77
C VAL A 37 -7.10 -19.04 -2.88
N LYS A 38 -8.03 -19.04 -1.92
CA LYS A 38 -8.18 -20.19 -1.03
C LYS A 38 -9.47 -20.84 -1.48
N SER A 39 -9.39 -22.07 -1.99
CA SER A 39 -10.58 -22.80 -2.44
C SER A 39 -10.87 -23.95 -1.50
N LEU A 40 -12.15 -24.13 -1.19
CA LEU A 40 -12.63 -25.18 -0.30
C LEU A 40 -12.79 -26.51 -1.04
N LYS A 41 -12.25 -27.59 -0.49
CA LYS A 41 -12.44 -28.85 -1.20
C LYS A 41 -13.82 -29.33 -0.78
N GLN A 42 -14.69 -29.46 -1.77
CA GLN A 42 -16.08 -29.79 -1.50
C GLN A 42 -16.38 -30.88 -0.47
N GLY A 43 -17.42 -30.65 0.30
CA GLY A 43 -17.80 -31.60 1.32
C GLY A 43 -16.64 -31.94 2.22
N SER A 44 -15.92 -30.91 2.66
CA SER A 44 -14.75 -31.05 3.55
C SER A 44 -15.09 -30.31 4.85
N MET A 45 -15.89 -29.27 4.73
CA MET A 45 -16.36 -28.51 5.88
C MET A 45 -17.45 -27.62 5.29
N SER A 46 -18.47 -27.29 6.08
CA SER A 46 -19.56 -26.48 5.58
C SER A 46 -19.10 -25.18 4.93
N PRO A 47 -19.88 -24.67 3.95
CA PRO A 47 -19.59 -23.42 3.24
C PRO A 47 -19.60 -22.33 4.28
N ASP A 48 -20.50 -22.52 5.25
CA ASP A 48 -20.66 -21.57 6.34
C ASP A 48 -19.33 -21.45 7.09
N ALA A 49 -18.86 -22.56 7.63
CA ALA A 49 -17.61 -22.56 8.40
C ALA A 49 -16.41 -22.03 7.60
N PHE A 50 -16.37 -22.32 6.29
CA PHE A 50 -15.27 -21.88 5.44
C PHE A 50 -15.33 -20.38 5.21
N LEU A 51 -16.56 -19.87 5.01
CA LEU A 51 -16.75 -18.45 4.77
C LEU A 51 -16.59 -17.59 6.01
N ALA A 52 -16.60 -18.21 7.18
CA ALA A 52 -16.42 -17.48 8.43
C ALA A 52 -15.08 -16.72 8.37
N GLU A 53 -14.12 -17.29 7.64
CA GLU A 53 -12.81 -16.69 7.49
C GLU A 53 -12.98 -15.37 6.72
N ALA A 54 -13.78 -15.44 5.66
CA ALA A 54 -14.03 -14.27 4.83
C ALA A 54 -14.75 -13.18 5.61
N ASN A 55 -15.76 -13.55 6.37
CA ASN A 55 -16.52 -12.57 7.14
C ASN A 55 -15.63 -11.86 8.17
N LEU A 56 -14.60 -12.57 8.64
CA LEU A 56 -13.68 -12.01 9.60
C LEU A 56 -12.76 -10.99 8.91
N MET A 57 -12.39 -11.28 7.67
CA MET A 57 -11.54 -10.39 6.90
C MET A 57 -12.31 -9.14 6.46
N LYS A 58 -13.63 -9.25 6.31
CA LYS A 58 -14.44 -8.09 5.92
C LYS A 58 -14.39 -7.11 7.10
N GLN A 59 -14.41 -7.67 8.30
CA GLN A 59 -14.38 -6.96 9.58
C GLN A 59 -13.05 -6.31 9.87
N LEU A 60 -11.99 -7.09 9.73
CA LEU A 60 -10.65 -6.61 10.01
C LEU A 60 -9.91 -6.05 8.81
N GLN A 61 -10.27 -4.85 8.37
CA GLN A 61 -9.57 -4.23 7.25
C GLN A 61 -8.61 -3.21 7.88
N HIS A 62 -7.33 -3.31 7.56
CA HIS A 62 -6.31 -2.39 8.08
C HIS A 62 -5.08 -2.46 7.19
N GLN A 63 -4.35 -1.36 7.13
CA GLN A 63 -3.14 -1.28 6.31
C GLN A 63 -2.11 -2.38 6.59
N ARG A 64 -2.07 -2.86 7.84
CA ARG A 64 -1.12 -3.90 8.25
C ARG A 64 -1.67 -5.34 8.22
N LEU A 65 -2.81 -5.54 7.57
CA LEU A 65 -3.40 -6.87 7.49
C LEU A 65 -3.70 -7.23 6.05
N VAL A 66 -3.38 -8.46 5.67
CA VAL A 66 -3.65 -8.88 4.31
C VAL A 66 -5.15 -8.63 4.11
N ARG A 67 -5.51 -8.00 3.00
CA ARG A 67 -6.92 -7.69 2.77
C ARG A 67 -7.67 -8.61 1.83
N LEU A 68 -8.94 -8.81 2.15
CA LEU A 68 -9.83 -9.62 1.34
C LEU A 68 -10.17 -8.79 0.10
N TYR A 69 -10.29 -9.46 -1.05
CA TYR A 69 -10.61 -8.78 -2.31
C TYR A 69 -12.01 -9.17 -2.79
N ALA A 70 -12.33 -10.45 -2.72
CA ALA A 70 -13.64 -10.92 -3.17
C ALA A 70 -13.96 -12.31 -2.64
N VAL A 71 -15.10 -12.84 -3.07
CA VAL A 71 -15.55 -14.15 -2.65
C VAL A 71 -16.44 -14.74 -3.73
N VAL A 72 -16.44 -16.06 -3.84
CA VAL A 72 -17.29 -16.78 -4.78
C VAL A 72 -17.98 -17.80 -3.88
N THR A 73 -19.28 -17.59 -3.64
CA THR A 73 -20.06 -18.44 -2.75
C THR A 73 -20.79 -19.65 -3.30
N GLN A 74 -20.49 -20.06 -4.52
CA GLN A 74 -21.13 -21.26 -5.07
C GLN A 74 -19.99 -22.28 -5.22
N GLU A 75 -20.17 -23.49 -4.68
CA GLU A 75 -19.14 -24.52 -4.74
C GLU A 75 -18.63 -24.72 -6.18
N PRO A 76 -17.30 -24.80 -6.37
CA PRO A 76 -16.22 -24.75 -5.37
C PRO A 76 -16.13 -23.33 -4.80
N ILE A 77 -16.23 -23.22 -3.49
CA ILE A 77 -16.18 -21.94 -2.80
C ILE A 77 -14.78 -21.34 -2.72
N TYR A 78 -14.64 -20.07 -3.12
CA TYR A 78 -13.34 -19.38 -3.09
C TYR A 78 -13.28 -18.16 -2.17
N ILE A 79 -12.08 -17.86 -1.70
CA ILE A 79 -11.81 -16.67 -0.90
C ILE A 79 -10.61 -16.06 -1.60
N ILE A 80 -10.80 -14.89 -2.18
CA ILE A 80 -9.74 -14.20 -2.92
C ILE A 80 -9.16 -13.02 -2.17
N THR A 81 -7.84 -12.94 -2.15
CA THR A 81 -7.13 -11.85 -1.48
C THR A 81 -6.05 -11.27 -2.38
N GLU A 82 -5.42 -10.18 -1.92
CA GLU A 82 -4.35 -9.59 -2.68
C GLU A 82 -3.17 -10.56 -2.59
N TYR A 83 -2.23 -10.43 -3.53
CA TYR A 83 -1.08 -11.31 -3.57
C TYR A 83 0.18 -10.53 -3.26
N MET A 84 1.01 -11.04 -2.35
CA MET A 84 2.26 -10.35 -2.03
C MET A 84 3.40 -10.99 -2.80
N GLU A 85 4.06 -10.17 -3.61
CA GLU A 85 5.17 -10.62 -4.45
C GLU A 85 6.28 -11.39 -3.71
N ASN A 86 6.74 -10.83 -2.59
CA ASN A 86 7.81 -11.44 -1.83
C ASN A 86 7.47 -12.55 -0.84
N GLY A 87 6.24 -13.05 -0.89
CA GLY A 87 5.84 -14.12 0.01
C GLY A 87 5.94 -13.83 1.50
N SER A 88 6.12 -14.90 2.27
CA SER A 88 6.21 -14.81 3.72
C SER A 88 7.53 -14.21 4.21
N LEU A 89 7.48 -13.65 5.41
CA LEU A 89 8.63 -13.01 6.02
C LEU A 89 9.77 -13.98 6.34
N VAL A 90 9.44 -15.17 6.84
CA VAL A 90 10.46 -16.15 7.19
C VAL A 90 11.24 -16.57 5.96
N ASP A 91 10.56 -16.69 4.83
CA ASP A 91 11.22 -17.07 3.59
C ASP A 91 12.06 -15.92 3.03
N PHE A 92 11.48 -14.73 2.96
CA PHE A 92 12.17 -13.57 2.42
C PHE A 92 13.47 -13.21 3.14
N LEU A 93 13.44 -13.25 4.47
CA LEU A 93 14.62 -12.92 5.26
C LEU A 93 15.84 -13.79 4.92
N LYS A 94 15.58 -14.99 4.41
CA LYS A 94 16.63 -15.93 4.04
C LYS A 94 17.24 -15.64 2.66
N THR A 95 16.59 -14.79 1.89
CA THR A 95 17.12 -14.46 0.57
C THR A 95 18.23 -13.42 0.69
N PRO A 96 19.04 -13.23 -0.37
CA PRO A 96 20.10 -12.23 -0.29
C PRO A 96 19.45 -10.87 -0.01
N SER A 97 18.34 -10.61 -0.69
CA SER A 97 17.60 -9.36 -0.51
C SER A 97 17.21 -9.14 0.95
N GLY A 98 16.84 -10.22 1.64
CA GLY A 98 16.46 -10.09 3.04
C GLY A 98 17.63 -10.08 4.00
N ILE A 99 18.73 -10.72 3.64
CA ILE A 99 19.90 -10.74 4.51
C ILE A 99 20.61 -9.39 4.54
N LYS A 100 20.49 -8.66 3.44
CA LYS A 100 21.14 -7.36 3.29
C LYS A 100 20.45 -6.23 4.05
N LEU A 101 19.33 -6.54 4.69
CA LEU A 101 18.57 -5.55 5.45
C LEU A 101 19.21 -5.17 6.77
N THR A 102 19.25 -3.87 7.03
CA THR A 102 19.84 -3.34 8.24
C THR A 102 18.92 -3.51 9.43
N ILE A 103 19.51 -3.44 10.62
CA ILE A 103 18.76 -3.56 11.86
C ILE A 103 17.66 -2.48 11.93
N ASN A 104 17.92 -1.35 11.28
CA ASN A 104 16.95 -0.25 11.24
C ASN A 104 15.72 -0.70 10.49
N LYS A 105 15.95 -1.25 9.29
CA LYS A 105 14.87 -1.71 8.45
C LYS A 105 14.11 -2.85 9.12
N LEU A 106 14.84 -3.72 9.80
CA LEU A 106 14.23 -4.84 10.51
C LEU A 106 13.28 -4.38 11.62
N LEU A 107 13.66 -3.32 12.33
CA LEU A 107 12.80 -2.84 13.41
C LEU A 107 11.60 -2.11 12.85
N ASP A 108 11.77 -1.51 11.68
CA ASP A 108 10.65 -0.84 11.05
C ASP A 108 9.62 -1.91 10.68
N MET A 109 10.09 -3.03 10.14
CA MET A 109 9.19 -4.11 9.78
C MET A 109 8.50 -4.71 11.01
N ALA A 110 9.26 -4.81 12.11
CA ALA A 110 8.71 -5.33 13.34
C ALA A 110 7.69 -4.35 13.91
N ALA A 111 7.93 -3.06 13.69
CA ALA A 111 6.99 -2.04 14.18
C ALA A 111 5.66 -2.24 13.46
N GLN A 112 5.73 -2.34 12.13
CA GLN A 112 4.54 -2.54 11.30
C GLN A 112 3.73 -3.75 11.78
N ILE A 113 4.42 -4.83 12.11
CA ILE A 113 3.74 -6.03 12.56
C ILE A 113 3.00 -5.71 13.86
N ALA A 114 3.70 -5.04 14.78
CA ALA A 114 3.12 -4.65 16.07
C ALA A 114 1.90 -3.76 15.83
N GLU A 115 2.03 -2.84 14.88
CA GLU A 115 0.94 -1.94 14.55
C GLU A 115 -0.30 -2.76 14.16
N GLY A 116 -0.12 -3.75 13.31
CA GLY A 116 -1.25 -4.58 12.89
C GLY A 116 -1.84 -5.36 14.05
N MET A 117 -0.97 -5.87 14.94
CA MET A 117 -1.42 -6.63 16.09
C MET A 117 -2.18 -5.71 17.04
N ALA A 118 -1.79 -4.43 17.08
CA ALA A 118 -2.44 -3.44 17.92
C ALA A 118 -3.86 -3.33 17.40
N PHE A 119 -3.99 -3.32 16.07
CA PHE A 119 -5.29 -3.24 15.45
C PHE A 119 -6.11 -4.42 15.92
N ILE A 120 -5.50 -5.60 15.80
CA ILE A 120 -6.13 -6.84 16.20
C ILE A 120 -6.57 -6.81 17.67
N GLU A 121 -5.76 -6.17 18.51
CA GLU A 121 -6.01 -6.02 19.95
C GLU A 121 -7.25 -5.15 20.13
N GLU A 122 -7.27 -4.04 19.37
CA GLU A 122 -8.33 -3.04 19.34
C GLU A 122 -9.67 -3.69 19.01
N ARG A 123 -9.63 -4.74 18.20
CA ARG A 123 -10.84 -5.42 17.76
C ARG A 123 -11.18 -6.71 18.51
N ASN A 124 -10.56 -6.91 19.67
CA ASN A 124 -10.83 -8.12 20.46
C ASN A 124 -10.55 -9.39 19.69
N TYR A 125 -9.67 -9.32 18.70
CA TYR A 125 -9.33 -10.52 17.95
C TYR A 125 -8.08 -11.15 18.54
N ILE A 126 -7.92 -12.45 18.30
CA ILE A 126 -6.76 -13.18 18.76
C ILE A 126 -6.21 -13.95 17.56
N HIS A 127 -4.93 -13.77 17.26
CA HIS A 127 -4.34 -14.42 16.11
C HIS A 127 -4.13 -15.92 16.29
N ARG A 128 -3.55 -16.30 17.42
CA ARG A 128 -3.27 -17.69 17.77
C ARG A 128 -2.06 -18.33 17.08
N ASP A 129 -1.57 -17.73 15.99
CA ASP A 129 -0.42 -18.30 15.32
C ASP A 129 0.54 -17.25 14.74
N LEU A 130 0.86 -16.24 15.54
CA LEU A 130 1.79 -15.19 15.10
C LEU A 130 3.21 -15.77 15.00
N ARG A 131 3.78 -15.69 13.80
CA ARG A 131 5.12 -16.19 13.48
C ARG A 131 5.48 -15.61 12.12
N ALA A 132 6.77 -15.49 11.82
CA ALA A 132 7.21 -14.91 10.55
C ALA A 132 6.66 -15.61 9.31
N ALA A 133 6.25 -16.86 9.46
CA ALA A 133 5.69 -17.62 8.33
C ALA A 133 4.32 -17.04 7.95
N ASN A 134 3.62 -16.47 8.94
CA ASN A 134 2.32 -15.89 8.69
C ASN A 134 2.39 -14.38 8.45
N ILE A 135 3.58 -13.90 8.11
CA ILE A 135 3.74 -12.48 7.81
C ILE A 135 4.09 -12.33 6.33
N LEU A 136 3.31 -11.53 5.61
CA LEU A 136 3.57 -11.31 4.18
C LEU A 136 4.36 -10.03 3.95
N VAL A 137 5.27 -10.09 3.00
CA VAL A 137 6.14 -8.98 2.63
C VAL A 137 5.69 -8.43 1.27
N SER A 138 5.28 -7.17 1.26
CA SER A 138 4.84 -6.52 0.02
C SER A 138 5.99 -6.27 -0.92
N ASP A 139 5.66 -5.71 -2.08
CA ASP A 139 6.65 -5.42 -3.10
C ASP A 139 7.52 -4.24 -2.67
N THR A 140 7.04 -3.48 -1.69
CA THR A 140 7.81 -2.34 -1.18
C THR A 140 8.47 -2.70 0.16
N LEU A 141 8.47 -4.00 0.47
CA LEU A 141 9.06 -4.51 1.69
C LEU A 141 8.29 -4.17 2.97
N SER A 142 7.03 -3.79 2.82
CA SER A 142 6.20 -3.50 3.98
C SER A 142 5.73 -4.85 4.50
N CYS A 143 5.22 -4.88 5.72
CA CYS A 143 4.76 -6.13 6.33
C CYS A 143 3.27 -6.16 6.64
N LYS A 144 2.61 -7.25 6.27
CA LYS A 144 1.20 -7.41 6.55
C LYS A 144 0.94 -8.72 7.31
N ILE A 145 0.04 -8.65 8.28
CA ILE A 145 -0.31 -9.80 9.07
C ILE A 145 -1.30 -10.69 8.35
N ALA A 146 -1.05 -11.98 8.40
CA ALA A 146 -1.91 -12.99 7.77
C ALA A 146 -1.95 -14.29 8.59
N ASP A 147 -2.68 -15.27 8.09
CA ASP A 147 -2.79 -16.58 8.74
C ASP A 147 -3.24 -17.63 7.71
N PHE A 148 -2.31 -18.53 7.35
CA PHE A 148 -2.55 -19.58 6.35
C PHE A 148 -3.05 -20.93 6.88
N GLY A 149 -2.64 -21.32 8.07
CA GLY A 149 -3.08 -22.60 8.61
C GLY A 149 -1.93 -23.54 8.99
N LEU A 150 -2.30 -24.65 9.63
CA LEU A 150 -1.37 -25.68 10.10
C LEU A 150 -0.34 -26.08 9.04
N PRO A 168 4.25 -28.11 16.46
CA PRO A 168 4.78 -26.74 16.44
C PRO A 168 4.44 -25.94 17.71
N ILE A 169 5.33 -26.01 18.69
CA ILE A 169 5.14 -25.37 19.99
C ILE A 169 5.93 -24.08 20.15
N LYS A 170 7.05 -24.00 19.44
CA LYS A 170 7.99 -22.88 19.55
C LYS A 170 7.46 -21.47 19.65
N TRP A 171 6.27 -21.20 19.12
CA TRP A 171 5.72 -19.85 19.15
C TRP A 171 4.58 -19.66 20.16
N THR A 172 4.18 -20.73 20.84
CA THR A 172 3.07 -20.66 21.79
C THR A 172 3.46 -20.41 23.25
N ALA A 173 2.74 -19.48 23.88
CA ALA A 173 2.97 -19.14 25.28
C ALA A 173 2.66 -20.37 26.13
N PRO A 174 3.28 -20.48 27.32
CA PRO A 174 3.06 -21.62 28.21
C PRO A 174 1.59 -21.84 28.59
N GLU A 175 0.92 -20.79 29.06
CA GLU A 175 -0.47 -20.91 29.45
C GLU A 175 -1.33 -21.46 28.31
N ALA A 176 -1.05 -21.05 27.07
CA ALA A 176 -1.83 -21.55 25.94
C ALA A 176 -1.51 -23.02 25.73
N ILE A 177 -0.22 -23.34 25.81
CA ILE A 177 0.19 -24.71 25.65
C ILE A 177 -0.42 -25.61 26.75
N ASN A 178 -0.21 -25.21 28.00
CA ASN A 178 -0.69 -26.01 29.12
C ASN A 178 -2.20 -26.10 29.35
N TYR A 179 -2.90 -24.97 29.27
CA TYR A 179 -4.34 -24.97 29.48
C TYR A 179 -5.15 -24.47 28.29
N GLY A 180 -4.50 -24.31 27.15
CA GLY A 180 -5.24 -23.85 25.98
C GLY A 180 -5.80 -22.46 26.13
N THR A 181 -5.16 -21.62 26.91
CA THR A 181 -5.63 -20.25 27.10
C THR A 181 -5.00 -19.33 26.06
N PHE A 182 -5.69 -19.12 24.94
CA PHE A 182 -5.16 -18.24 23.90
C PHE A 182 -5.80 -16.86 24.05
N THR A 183 -4.97 -15.85 24.29
CA THR A 183 -5.45 -14.49 24.44
C THR A 183 -4.50 -13.57 23.69
N ILE A 184 -4.80 -12.28 23.70
CA ILE A 184 -3.95 -11.32 23.04
C ILE A 184 -2.56 -11.35 23.71
N LYS A 185 -2.53 -11.77 24.98
CA LYS A 185 -1.27 -11.86 25.73
C LYS A 185 -0.51 -13.09 25.24
N SER A 186 -1.27 -14.07 24.78
CA SER A 186 -0.71 -15.28 24.24
C SER A 186 -0.01 -14.87 22.94
N ASP A 187 -0.59 -13.91 22.22
CA ASP A 187 -0.01 -13.43 20.97
C ASP A 187 1.25 -12.58 21.18
N VAL A 188 1.29 -11.80 22.26
CA VAL A 188 2.44 -10.95 22.56
C VAL A 188 3.68 -11.82 22.69
N TRP A 189 3.54 -12.90 23.44
CA TRP A 189 4.62 -13.84 23.65
C TRP A 189 5.09 -14.35 22.27
N SER A 190 4.14 -14.71 21.41
CA SER A 190 4.50 -15.18 20.08
C SER A 190 5.29 -14.11 19.37
N PHE A 191 4.91 -12.86 19.58
CA PHE A 191 5.59 -11.74 18.94
C PHE A 191 7.05 -11.71 19.39
N GLY A 192 7.28 -12.02 20.66
CA GLY A 192 8.64 -12.04 21.17
C GLY A 192 9.44 -13.06 20.40
N ILE A 193 8.83 -14.23 20.18
CA ILE A 193 9.48 -15.29 19.42
C ILE A 193 9.77 -14.78 18.01
N LEU A 194 8.78 -14.12 17.42
CA LEU A 194 8.87 -13.57 16.07
C LEU A 194 10.04 -12.58 15.97
N LEU A 195 10.25 -11.79 17.00
CA LEU A 195 11.36 -10.85 16.96
C LEU A 195 12.69 -11.60 16.78
N THR A 196 12.83 -12.75 17.42
CA THR A 196 14.08 -13.49 17.26
C THR A 196 14.27 -13.91 15.80
N GLU A 197 13.17 -14.28 15.14
CA GLU A 197 13.22 -14.68 13.74
C GLU A 197 13.74 -13.54 12.85
N ILE A 198 13.23 -12.34 13.11
CA ILE A 198 13.59 -11.16 12.36
C ILE A 198 15.07 -10.74 12.46
N VAL A 199 15.67 -10.81 13.65
CA VAL A 199 17.08 -10.39 13.79
C VAL A 199 18.15 -11.44 13.47
N THR A 200 17.73 -12.68 13.19
CA THR A 200 18.67 -13.75 12.86
C THR A 200 18.48 -14.05 11.36
N HIS A 201 17.56 -13.31 10.76
CA HIS A 201 17.21 -13.41 9.36
C HIS A 201 16.60 -14.76 8.95
N GLY A 202 15.69 -15.29 9.77
CA GLY A 202 15.05 -16.55 9.43
C GLY A 202 15.33 -17.78 10.28
N ARG A 203 16.25 -17.64 11.22
CA ARG A 203 16.62 -18.73 12.09
C ARG A 203 15.43 -19.28 12.89
N ILE A 204 15.37 -20.61 13.06
CA ILE A 204 14.33 -21.23 13.85
C ILE A 204 14.64 -20.87 15.31
N PRO A 205 13.60 -20.55 16.10
CA PRO A 205 13.84 -20.20 17.51
C PRO A 205 14.29 -21.42 18.31
N TYR A 206 14.93 -21.19 19.45
CA TYR A 206 15.45 -22.27 20.30
C TYR A 206 16.36 -23.15 19.44
N PRO A 207 17.41 -22.55 18.85
CA PRO A 207 18.37 -23.24 17.98
C PRO A 207 18.89 -24.55 18.57
N GLY A 208 18.68 -25.65 17.86
CA GLY A 208 19.17 -26.92 18.34
C GLY A 208 18.20 -27.75 19.18
N MET A 209 17.20 -27.11 19.75
CA MET A 209 16.24 -27.81 20.59
C MET A 209 15.05 -28.39 19.85
N THR A 210 14.68 -29.60 20.22
CA THR A 210 13.52 -30.24 19.63
C THR A 210 12.31 -29.71 20.41
N ASN A 211 11.11 -30.00 19.97
CA ASN A 211 9.94 -29.51 20.68
C ASN A 211 9.89 -30.00 22.12
N PRO A 212 10.18 -31.28 22.31
CA PRO A 212 10.16 -31.86 23.64
C PRO A 212 11.14 -31.10 24.52
N GLU A 213 12.29 -30.72 23.97
CA GLU A 213 13.29 -29.99 24.73
C GLU A 213 12.85 -28.59 25.08
N VAL A 214 12.19 -27.91 24.14
CA VAL A 214 11.71 -26.57 24.42
C VAL A 214 10.59 -26.68 25.47
N ILE A 215 9.81 -27.75 25.41
CA ILE A 215 8.73 -27.96 26.38
C ILE A 215 9.33 -28.08 27.78
N GLN A 216 10.36 -28.92 27.89
CA GLN A 216 11.05 -29.18 29.15
C GLN A 216 11.67 -27.91 29.71
N ASN A 217 12.50 -27.27 28.92
CA ASN A 217 13.18 -26.08 29.33
C ASN A 217 12.23 -25.01 29.85
N LEU A 218 11.09 -24.86 29.18
CA LEU A 218 10.11 -23.86 29.56
C LEU A 218 9.55 -24.08 30.97
N GLU A 219 9.13 -25.30 31.26
CA GLU A 219 8.58 -25.62 32.58
C GLU A 219 9.64 -25.40 33.65
N ARG A 220 10.83 -25.03 33.21
CA ARG A 220 11.94 -24.79 34.12
C ARG A 220 12.24 -23.29 34.15
N GLY A 221 11.45 -22.53 33.38
CA GLY A 221 11.62 -21.09 33.34
C GLY A 221 12.69 -20.66 32.36
N TYR A 222 13.14 -21.57 31.52
CA TYR A 222 14.15 -21.24 30.53
C TYR A 222 13.59 -20.23 29.52
N ARG A 223 14.46 -19.38 28.99
CA ARG A 223 14.09 -18.37 27.99
C ARG A 223 15.17 -18.37 26.94
N MET A 224 14.80 -18.07 25.70
CA MET A 224 15.78 -18.06 24.62
C MET A 224 16.96 -17.15 24.96
N VAL A 225 18.16 -17.64 24.66
CA VAL A 225 19.39 -16.87 24.89
C VAL A 225 19.41 -15.76 23.87
N ARG A 226 20.09 -14.65 24.16
CA ARG A 226 20.11 -13.56 23.20
C ARG A 226 20.77 -13.96 21.88
N PRO A 227 20.04 -13.78 20.77
CA PRO A 227 20.51 -14.11 19.42
C PRO A 227 21.68 -13.22 19.05
N ASP A 228 22.56 -13.72 18.20
CA ASP A 228 23.71 -12.94 17.77
C ASP A 228 23.24 -11.64 17.15
N ASN A 229 24.10 -10.62 17.20
CA ASN A 229 23.80 -9.30 16.64
C ASN A 229 22.42 -8.78 16.99
N CYS A 230 21.92 -9.13 18.17
CA CYS A 230 20.62 -8.60 18.62
C CYS A 230 20.95 -7.56 19.68
N PRO A 231 20.54 -6.30 19.47
CA PRO A 231 20.81 -5.26 20.46
C PRO A 231 20.34 -5.70 21.85
N GLU A 232 21.01 -5.20 22.90
CA GLU A 232 20.63 -5.55 24.25
C GLU A 232 19.25 -4.99 24.62
N GLU A 233 18.93 -3.79 24.13
CA GLU A 233 17.62 -3.20 24.40
C GLU A 233 16.54 -4.04 23.71
N LEU A 234 16.83 -4.52 22.50
CA LEU A 234 15.85 -5.33 21.79
C LEU A 234 15.62 -6.67 22.51
N TYR A 235 16.69 -7.23 23.07
CA TYR A 235 16.56 -8.50 23.78
C TYR A 235 15.69 -8.34 25.03
N GLN A 236 15.79 -7.20 25.72
CA GLN A 236 14.98 -6.98 26.91
C GLN A 236 13.51 -6.77 26.54
N LEU A 237 13.26 -6.25 25.35
CA LEU A 237 11.90 -6.07 24.90
C LEU A 237 11.33 -7.47 24.74
N MET A 238 12.13 -8.38 24.19
CA MET A 238 11.70 -9.77 23.97
C MET A 238 11.37 -10.45 25.29
N ARG A 239 12.18 -10.17 26.31
CA ARG A 239 11.98 -10.76 27.62
C ARG A 239 10.67 -10.27 28.23
N LEU A 240 10.32 -9.01 27.96
CA LEU A 240 9.07 -8.49 28.48
C LEU A 240 7.94 -9.30 27.84
N CYS A 241 8.08 -9.59 26.55
CA CYS A 241 7.08 -10.39 25.85
C CYS A 241 7.00 -11.79 26.44
N TRP A 242 8.05 -12.20 27.15
CA TRP A 242 8.09 -13.52 27.73
C TRP A 242 7.91 -13.66 29.24
N LYS A 243 7.25 -12.69 29.87
CA LYS A 243 7.00 -12.76 31.32
C LYS A 243 6.03 -13.94 31.54
N GLU A 244 6.31 -14.77 32.53
CA GLU A 244 5.46 -15.93 32.83
C GLU A 244 4.00 -15.51 32.92
N ARG A 245 3.71 -14.58 33.83
CA ARG A 245 2.34 -14.09 33.98
C ARG A 245 1.93 -13.28 32.75
N PRO A 246 0.88 -13.72 32.06
CA PRO A 246 0.37 -13.04 30.87
C PRO A 246 0.07 -11.57 31.04
N GLU A 247 -0.53 -11.20 32.16
CA GLU A 247 -0.89 -9.80 32.36
C GLU A 247 0.32 -8.92 32.60
N ASP A 248 1.50 -9.54 32.71
CA ASP A 248 2.73 -8.80 32.89
C ASP A 248 3.33 -8.40 31.55
N ARG A 249 2.84 -9.02 30.48
CA ARG A 249 3.35 -8.72 29.14
C ARG A 249 2.80 -7.40 28.63
N PRO A 250 3.62 -6.67 27.88
CA PRO A 250 3.21 -5.38 27.32
C PRO A 250 2.11 -5.47 26.26
N THR A 251 1.50 -4.33 25.96
CA THR A 251 0.46 -4.24 24.95
C THR A 251 1.16 -4.06 23.61
N PHE A 252 0.52 -4.49 22.53
CA PHE A 252 1.12 -4.34 21.20
C PHE A 252 1.28 -2.86 20.87
N ASP A 253 0.45 -2.03 21.49
CA ASP A 253 0.55 -0.60 21.24
C ASP A 253 1.87 -0.09 21.81
N TYR A 254 2.20 -0.57 23.01
CA TYR A 254 3.45 -0.21 23.67
C TYR A 254 4.64 -0.75 22.89
N LEU A 255 4.49 -1.97 22.36
CA LEU A 255 5.54 -2.62 21.58
C LEU A 255 5.81 -1.84 20.29
N ARG A 256 4.75 -1.41 19.63
CA ARG A 256 4.88 -0.64 18.39
C ARG A 256 5.63 0.65 18.70
N SER A 257 5.14 1.36 19.72
CA SER A 257 5.71 2.62 20.13
C SER A 257 7.20 2.52 20.40
N VAL A 258 7.60 1.48 21.12
CA VAL A 258 9.01 1.28 21.45
C VAL A 258 9.85 0.94 20.23
N LEU A 259 9.29 0.16 19.31
CA LEU A 259 10.02 -0.25 18.12
C LEU A 259 10.22 0.89 17.11
N GLU A 260 9.24 1.79 17.00
CA GLU A 260 9.37 2.90 16.07
C GLU A 260 10.41 3.91 16.56
N ASP A 261 10.49 4.08 17.88
CA ASP A 261 11.44 5.00 18.50
C ASP A 261 12.73 4.31 18.88
N PHE A 262 12.85 3.03 18.53
CA PHE A 262 14.05 2.30 18.92
C PHE A 262 15.30 3.10 18.65
N PHE A 263 15.38 3.70 17.47
CA PHE A 263 16.53 4.51 17.09
C PHE A 263 16.28 6.00 17.14
N THR A 264 15.46 6.45 18.08
CA THR A 264 15.17 7.88 18.21
C THR A 264 15.14 8.49 16.83
N ASP B 1 -5.33 38.57 3.11
CA ASP B 1 -5.26 37.26 2.39
C ASP B 1 -6.44 36.39 2.86
N GLU B 2 -7.38 36.14 1.95
CA GLU B 2 -8.55 35.33 2.27
C GLU B 2 -8.31 33.83 2.11
N TRP B 3 -7.16 33.39 2.58
CA TRP B 3 -6.77 31.99 2.55
C TRP B 3 -6.17 31.71 3.92
N GLU B 4 -6.01 32.78 4.69
CA GLU B 4 -5.44 32.69 6.03
C GLU B 4 -6.53 32.32 7.05
N VAL B 5 -6.19 31.43 7.97
CA VAL B 5 -7.12 31.02 9.02
C VAL B 5 -6.31 30.86 10.29
N PRO B 6 -6.91 31.23 11.44
CA PRO B 6 -6.19 31.08 12.71
C PRO B 6 -5.77 29.62 12.84
N ARG B 7 -4.61 29.39 13.43
CA ARG B 7 -4.10 28.04 13.59
C ARG B 7 -4.90 27.19 14.57
N GLU B 8 -5.68 27.85 15.42
CA GLU B 8 -6.48 27.14 16.42
C GLU B 8 -7.75 26.55 15.84
N THR B 9 -8.04 26.87 14.59
CA THR B 9 -9.24 26.32 13.93
C THR B 9 -8.86 24.96 13.38
N LEU B 10 -7.57 24.65 13.43
CA LEU B 10 -7.07 23.39 12.92
C LEU B 10 -6.67 22.44 14.05
N LYS B 11 -6.99 21.16 13.83
CA LYS B 11 -6.63 20.09 14.75
C LYS B 11 -6.07 18.94 13.90
N LEU B 12 -4.78 18.67 14.09
CA LEU B 12 -4.10 17.61 13.36
C LEU B 12 -4.33 16.28 14.08
N VAL B 13 -4.82 15.30 13.33
CA VAL B 13 -5.14 13.99 13.88
C VAL B 13 -4.15 12.85 13.62
N GLU B 14 -3.98 12.50 12.34
CA GLU B 14 -3.06 11.42 11.98
C GLU B 14 -2.05 11.85 10.91
N ARG B 15 -0.78 11.53 11.12
CA ARG B 15 0.22 11.92 10.13
C ARG B 15 0.17 10.99 8.93
N LEU B 16 0.34 11.57 7.74
CA LEU B 16 0.30 10.82 6.50
C LEU B 16 1.67 10.66 5.87
N GLY B 17 2.56 11.60 6.13
CA GLY B 17 3.88 11.52 5.55
C GLY B 17 4.86 12.48 6.16
N ALA B 18 6.14 12.10 6.18
CA ALA B 18 7.17 12.97 6.74
C ALA B 18 8.35 13.02 5.77
N GLY B 19 9.03 14.16 5.74
CA GLY B 19 10.16 14.32 4.84
C GLY B 19 11.20 15.30 5.35
N GLN B 20 12.13 15.67 4.48
CA GLN B 20 13.20 16.61 4.81
C GLN B 20 12.76 18.08 4.75
N PHE B 21 11.60 18.34 4.14
CA PHE B 21 11.06 19.70 4.04
C PHE B 21 9.81 19.88 4.90
N GLY B 22 9.45 18.82 5.62
CA GLY B 22 8.28 18.87 6.49
C GLY B 22 7.44 17.61 6.37
N GLU B 23 6.26 17.66 6.96
CA GLU B 23 5.38 16.50 6.95
C GLU B 23 4.00 16.86 6.40
N VAL B 24 3.13 15.86 6.32
CA VAL B 24 1.76 16.04 5.84
C VAL B 24 0.82 15.34 6.80
N TRP B 25 -0.30 15.98 7.12
CA TRP B 25 -1.29 15.41 8.05
C TRP B 25 -2.72 15.46 7.56
N MET B 26 -3.52 14.58 8.16
CA MET B 26 -4.95 14.55 7.89
C MET B 26 -5.47 15.22 9.15
N GLY B 27 -6.37 16.19 9.00
CA GLY B 27 -6.89 16.86 10.16
C GLY B 27 -8.27 17.43 9.97
N TYR B 28 -8.67 18.32 10.86
CA TYR B 28 -9.97 18.92 10.78
C TYR B 28 -9.94 20.43 10.95
N TYR B 29 -10.82 21.09 10.20
CA TYR B 29 -10.93 22.53 10.24
C TYR B 29 -12.28 22.85 10.86
N ASN B 30 -12.28 23.61 11.95
CA ASN B 30 -13.51 23.97 12.65
C ASN B 30 -14.36 22.75 13.05
N GLY B 31 -13.69 21.62 13.29
CA GLY B 31 -14.38 20.42 13.74
C GLY B 31 -15.11 19.52 12.74
N HIS B 32 -15.65 20.09 11.67
CA HIS B 32 -16.38 19.30 10.68
C HIS B 32 -15.57 18.97 9.41
N THR B 33 -15.12 20.02 8.71
CA THR B 33 -14.36 19.88 7.46
C THR B 33 -13.01 19.15 7.53
N LYS B 34 -12.95 18.00 6.87
CA LYS B 34 -11.74 17.16 6.82
C LYS B 34 -10.68 17.79 5.91
N VAL B 35 -9.42 17.77 6.33
CA VAL B 35 -8.36 18.37 5.51
C VAL B 35 -6.98 17.71 5.50
N ALA B 36 -6.21 18.02 4.47
CA ALA B 36 -4.84 17.54 4.36
C ALA B 36 -4.00 18.76 4.73
N VAL B 37 -2.94 18.54 5.49
CA VAL B 37 -2.10 19.65 5.92
C VAL B 37 -0.62 19.41 5.71
N LYS B 38 -0.03 20.26 4.88
CA LYS B 38 1.39 20.18 4.61
C LYS B 38 2.01 21.24 5.52
N SER B 39 2.99 20.84 6.33
CA SER B 39 3.67 21.76 7.25
C SER B 39 5.16 21.83 6.94
N LEU B 40 5.73 23.03 7.03
CA LEU B 40 7.13 23.27 6.74
C LEU B 40 8.12 23.02 7.88
N LYS B 41 9.18 22.28 7.56
CA LYS B 41 10.18 22.00 8.57
C LYS B 41 11.05 23.25 8.66
N GLN B 42 10.89 24.00 9.74
CA GLN B 42 11.62 25.25 9.95
C GLN B 42 13.05 25.17 9.43
N GLY B 43 13.55 26.28 8.91
CA GLY B 43 14.90 26.28 8.36
C GLY B 43 15.12 25.33 7.19
N SER B 44 14.10 24.54 6.82
CA SER B 44 14.23 23.60 5.68
C SER B 44 14.38 24.29 4.32
N MET B 45 13.53 25.28 4.09
CA MET B 45 13.53 26.09 2.87
C MET B 45 12.87 27.41 3.28
N SER B 46 13.15 28.49 2.57
CA SER B 46 12.55 29.77 2.99
C SER B 46 11.02 29.72 2.97
N PRO B 47 10.40 30.47 3.89
CA PRO B 47 8.94 30.52 3.95
C PRO B 47 8.34 30.93 2.62
N ASP B 48 8.99 31.86 1.92
CA ASP B 48 8.47 32.33 0.63
C ASP B 48 8.41 31.21 -0.40
N ALA B 49 9.48 30.43 -0.46
CA ALA B 49 9.61 29.32 -1.39
C ALA B 49 8.61 28.21 -1.06
N PHE B 50 8.26 28.10 0.22
CA PHE B 50 7.30 27.09 0.66
C PHE B 50 5.93 27.55 0.23
N LEU B 51 5.62 28.79 0.56
CA LEU B 51 4.33 29.38 0.24
C LEU B 51 4.17 29.64 -1.24
N ALA B 52 5.22 29.41 -2.02
CA ALA B 52 5.10 29.63 -3.46
C ALA B 52 4.12 28.59 -4.02
N GLU B 53 4.14 27.39 -3.42
CA GLU B 53 3.24 26.33 -3.84
C GLU B 53 1.78 26.77 -3.66
N ALA B 54 1.50 27.41 -2.52
CA ALA B 54 0.17 27.89 -2.23
C ALA B 54 -0.29 28.96 -3.22
N ASN B 55 0.62 29.84 -3.62
CA ASN B 55 0.27 30.90 -4.56
C ASN B 55 0.02 30.34 -5.95
N LEU B 56 0.69 29.23 -6.26
CA LEU B 56 0.53 28.55 -7.54
C LEU B 56 -0.86 27.96 -7.59
N MET B 57 -1.30 27.42 -6.46
CA MET B 57 -2.62 26.81 -6.38
C MET B 57 -3.73 27.85 -6.47
N LYS B 58 -3.50 29.05 -5.92
CA LYS B 58 -4.51 30.12 -6.00
C LYS B 58 -4.73 30.47 -7.48
N GLN B 59 -3.69 30.27 -8.29
CA GLN B 59 -3.75 30.55 -9.72
C GLN B 59 -4.28 29.41 -10.59
N LEU B 60 -4.53 28.26 -9.97
CA LEU B 60 -5.01 27.12 -10.71
C LEU B 60 -6.21 26.46 -10.05
N GLN B 61 -7.30 27.22 -9.94
CA GLN B 61 -8.50 26.71 -9.34
C GLN B 61 -9.42 26.13 -10.40
N HIS B 62 -9.73 24.86 -10.25
CA HIS B 62 -10.58 24.15 -11.18
C HIS B 62 -11.12 22.91 -10.47
N GLN B 63 -12.34 22.52 -10.76
CA GLN B 63 -12.88 21.36 -10.09
C GLN B 63 -12.16 20.05 -10.43
N ARG B 64 -11.16 20.11 -11.30
CA ARG B 64 -10.40 18.93 -11.67
C ARG B 64 -9.01 18.88 -11.04
N LEU B 65 -8.68 19.92 -10.27
CA LEU B 65 -7.39 20.00 -9.58
C LEU B 65 -7.66 20.06 -8.09
N VAL B 66 -6.79 19.45 -7.28
CA VAL B 66 -6.98 19.49 -5.84
C VAL B 66 -7.13 20.95 -5.46
N ARG B 67 -8.02 21.24 -4.53
CA ARG B 67 -8.33 22.60 -4.11
C ARG B 67 -7.69 23.12 -2.83
N LEU B 68 -6.98 24.24 -2.93
CA LEU B 68 -6.38 24.86 -1.76
C LEU B 68 -7.48 25.40 -0.84
N TYR B 69 -7.50 24.97 0.41
CA TYR B 69 -8.54 25.46 1.33
C TYR B 69 -8.09 26.71 2.08
N ALA B 70 -6.86 26.67 2.57
CA ALA B 70 -6.32 27.80 3.32
C ALA B 70 -4.85 27.59 3.64
N VAL B 71 -4.26 28.63 4.22
CA VAL B 71 -2.86 28.60 4.62
C VAL B 71 -2.71 29.26 5.99
N VAL B 72 -1.64 28.91 6.69
CA VAL B 72 -1.31 29.52 7.97
C VAL B 72 0.08 30.07 7.65
N THR B 73 0.16 31.37 7.38
CA THR B 73 1.43 32.00 6.99
C THR B 73 2.37 32.38 8.14
N GLN B 74 2.05 31.94 9.35
CA GLN B 74 2.89 32.22 10.52
C GLN B 74 3.48 30.88 10.95
N GLU B 75 4.77 30.87 11.25
CA GLU B 75 5.45 29.63 11.62
C GLU B 75 4.86 28.94 12.84
N PRO B 76 4.67 27.61 12.76
CA PRO B 76 4.98 26.80 11.57
C PRO B 76 3.98 27.10 10.46
N ILE B 77 4.46 27.10 9.22
CA ILE B 77 3.59 27.40 8.09
C ILE B 77 2.80 26.16 7.65
N TYR B 78 1.56 26.39 7.24
CA TYR B 78 0.69 25.32 6.78
C TYR B 78 0.03 25.64 5.46
N ILE B 79 -0.10 24.61 4.63
CA ILE B 79 -0.78 24.71 3.35
C ILE B 79 -1.89 23.69 3.57
N ILE B 80 -3.12 24.17 3.65
CA ILE B 80 -4.26 23.30 3.89
C ILE B 80 -5.10 23.09 2.62
N THR B 81 -5.50 21.85 2.36
CA THR B 81 -6.33 21.53 1.21
C THR B 81 -7.45 20.56 1.58
N GLU B 82 -8.36 20.36 0.64
CA GLU B 82 -9.45 19.43 0.82
C GLU B 82 -8.84 18.04 1.04
N TYR B 83 -9.53 17.18 1.77
CA TYR B 83 -9.02 15.83 1.97
C TYR B 83 -9.85 14.90 1.10
N MET B 84 -9.18 14.02 0.36
CA MET B 84 -9.89 13.09 -0.50
C MET B 84 -9.83 11.70 0.15
N GLU B 85 -10.99 11.18 0.53
CA GLU B 85 -11.09 9.87 1.21
C GLU B 85 -10.31 8.71 0.64
N ASN B 86 -10.41 8.50 -0.66
CA ASN B 86 -9.76 7.37 -1.29
C ASN B 86 -8.30 7.56 -1.69
N GLY B 87 -7.75 8.71 -1.32
CA GLY B 87 -6.35 8.99 -1.65
C GLY B 87 -5.96 8.94 -3.12
N SER B 88 -4.73 8.49 -3.35
CA SER B 88 -4.17 8.38 -4.70
C SER B 88 -4.92 7.39 -5.58
N LEU B 89 -4.90 7.65 -6.88
CA LEU B 89 -5.58 6.79 -7.84
C LEU B 89 -4.90 5.44 -7.94
N VAL B 90 -3.57 5.46 -7.87
CA VAL B 90 -2.79 4.23 -7.96
C VAL B 90 -3.07 3.34 -6.75
N ASP B 91 -3.30 3.93 -5.58
CA ASP B 91 -3.63 3.13 -4.40
C ASP B 91 -5.07 2.67 -4.53
N PHE B 92 -5.96 3.63 -4.81
CA PHE B 92 -7.37 3.33 -4.92
C PHE B 92 -7.73 2.19 -5.89
N LEU B 93 -7.06 2.14 -7.02
CA LEU B 93 -7.34 1.10 -8.00
C LEU B 93 -6.96 -0.28 -7.47
N LYS B 94 -6.21 -0.29 -6.37
CA LYS B 94 -5.79 -1.55 -5.76
C LYS B 94 -6.67 -1.97 -4.57
N THR B 95 -7.76 -1.26 -4.36
CA THR B 95 -8.67 -1.59 -3.25
C THR B 95 -9.75 -2.58 -3.69
N PRO B 96 -10.41 -3.25 -2.73
CA PRO B 96 -11.44 -4.19 -3.13
C PRO B 96 -12.39 -3.54 -4.13
N SER B 97 -12.66 -2.25 -3.93
CA SER B 97 -13.53 -1.49 -4.82
C SER B 97 -12.86 -1.18 -6.16
N GLY B 98 -11.71 -0.51 -6.07
CA GLY B 98 -10.96 -0.13 -7.25
C GLY B 98 -10.76 -1.24 -8.26
N ILE B 99 -10.35 -2.41 -7.77
CA ILE B 99 -10.10 -3.55 -8.65
C ILE B 99 -11.29 -3.96 -9.53
N LYS B 100 -12.50 -3.67 -9.06
CA LYS B 100 -13.69 -4.06 -9.80
C LYS B 100 -14.30 -3.00 -10.72
N LEU B 101 -13.73 -1.80 -10.74
CA LEU B 101 -14.28 -0.75 -11.60
C LEU B 101 -14.36 -1.20 -13.06
N THR B 102 -15.51 -0.96 -13.68
CA THR B 102 -15.70 -1.32 -15.08
C THR B 102 -14.92 -0.36 -15.98
N ILE B 103 -14.67 -0.79 -17.21
CA ILE B 103 -13.93 0.00 -18.19
C ILE B 103 -14.60 1.37 -18.41
N ASN B 104 -15.93 1.39 -18.33
CA ASN B 104 -16.69 2.63 -18.51
C ASN B 104 -16.29 3.65 -17.45
N LYS B 105 -16.27 3.20 -16.20
CA LYS B 105 -15.90 4.06 -15.08
C LYS B 105 -14.47 4.59 -15.23
N LEU B 106 -13.56 3.67 -15.53
CA LEU B 106 -12.16 4.05 -15.69
C LEU B 106 -12.00 5.12 -16.77
N LEU B 107 -12.73 4.98 -17.87
CA LEU B 107 -12.61 5.98 -18.93
C LEU B 107 -13.13 7.33 -18.49
N ASP B 108 -14.19 7.34 -17.68
CA ASP B 108 -14.72 8.59 -17.17
C ASP B 108 -13.63 9.22 -16.32
N MET B 109 -12.87 8.39 -15.60
CA MET B 109 -11.80 8.88 -14.74
C MET B 109 -10.67 9.47 -15.60
N ALA B 110 -10.42 8.85 -16.75
CA ALA B 110 -9.39 9.33 -17.65
C ALA B 110 -9.87 10.67 -18.22
N ALA B 111 -11.14 10.75 -18.56
CA ALA B 111 -11.73 11.96 -19.12
C ALA B 111 -11.57 13.10 -18.12
N GLN B 112 -11.87 12.83 -16.86
CA GLN B 112 -11.73 13.85 -15.84
C GLN B 112 -10.31 14.40 -15.76
N ILE B 113 -9.34 13.50 -15.71
CA ILE B 113 -7.94 13.92 -15.65
C ILE B 113 -7.61 14.71 -16.92
N ALA B 114 -8.13 14.26 -18.05
CA ALA B 114 -7.89 14.94 -19.31
C ALA B 114 -8.44 16.36 -19.26
N GLU B 115 -9.61 16.52 -18.65
CA GLU B 115 -10.22 17.82 -18.54
C GLU B 115 -9.32 18.74 -17.72
N GLY B 116 -8.82 18.21 -16.61
CA GLY B 116 -7.94 19.00 -15.75
C GLY B 116 -6.66 19.40 -16.46
N MET B 117 -6.11 18.49 -17.26
CA MET B 117 -4.88 18.79 -17.97
C MET B 117 -5.15 19.81 -19.05
N ALA B 118 -6.38 19.85 -19.54
CA ALA B 118 -6.72 20.83 -20.56
C ALA B 118 -6.69 22.22 -19.90
N PHE B 119 -7.17 22.31 -18.65
CA PHE B 119 -7.16 23.57 -17.91
C PHE B 119 -5.72 24.06 -17.76
N ILE B 120 -4.87 23.18 -17.24
CA ILE B 120 -3.45 23.46 -17.05
C ILE B 120 -2.84 23.87 -18.39
N GLU B 121 -3.24 23.18 -19.45
CA GLU B 121 -2.77 23.48 -20.79
C GLU B 121 -3.12 24.93 -21.08
N GLU B 122 -4.41 25.23 -20.96
CA GLU B 122 -4.91 26.56 -21.20
C GLU B 122 -4.17 27.64 -20.41
N ARG B 123 -4.04 27.46 -19.10
CA ARG B 123 -3.38 28.44 -18.25
C ARG B 123 -1.85 28.44 -18.38
N ASN B 124 -1.34 27.69 -19.35
CA ASN B 124 0.09 27.58 -19.61
C ASN B 124 1.00 27.24 -18.43
N TYR B 125 0.65 26.17 -17.75
CA TYR B 125 1.41 25.66 -16.61
C TYR B 125 1.89 24.31 -17.13
N ILE B 126 2.93 23.77 -16.53
CA ILE B 126 3.44 22.48 -16.95
C ILE B 126 3.45 21.61 -15.70
N HIS B 127 2.87 20.42 -15.76
CA HIS B 127 2.79 19.57 -14.59
C HIS B 127 4.12 18.93 -14.21
N ARG B 128 4.81 18.38 -15.21
CA ARG B 128 6.11 17.74 -15.01
C ARG B 128 6.14 16.41 -14.31
N ASP B 129 5.03 15.99 -13.70
CA ASP B 129 5.02 14.69 -13.02
C ASP B 129 3.64 14.07 -12.99
N LEU B 130 3.08 13.87 -14.16
CA LEU B 130 1.75 13.31 -14.34
C LEU B 130 1.71 11.78 -14.30
N ARG B 131 1.24 11.23 -13.17
CA ARG B 131 1.12 9.78 -12.98
C ARG B 131 0.01 9.51 -11.96
N ALA B 132 -0.47 8.27 -11.93
CA ALA B 132 -1.53 7.88 -11.01
C ALA B 132 -1.28 8.29 -9.57
N ALA B 133 -0.04 8.19 -9.12
CA ALA B 133 0.32 8.54 -7.74
C ALA B 133 0.03 10.00 -7.41
N ASN B 134 -0.16 10.83 -8.44
CA ASN B 134 -0.44 12.25 -8.24
C ASN B 134 -1.87 12.64 -8.56
N ILE B 135 -2.75 11.64 -8.61
CA ILE B 135 -4.15 11.89 -8.86
C ILE B 135 -4.90 11.48 -7.60
N LEU B 136 -5.79 12.35 -7.13
CA LEU B 136 -6.59 12.06 -5.96
C LEU B 136 -7.96 11.59 -6.41
N VAL B 137 -8.62 10.81 -5.58
CA VAL B 137 -9.95 10.30 -5.89
C VAL B 137 -10.93 10.73 -4.79
N SER B 138 -12.01 11.38 -5.20
CA SER B 138 -13.01 11.84 -4.25
C SER B 138 -13.80 10.69 -3.64
N ASP B 139 -14.71 11.05 -2.75
CA ASP B 139 -15.59 10.07 -2.12
C ASP B 139 -16.56 9.57 -3.18
N THR B 140 -16.97 10.48 -4.05
CA THR B 140 -17.88 10.11 -5.13
C THR B 140 -17.13 9.55 -6.32
N LEU B 141 -15.86 9.19 -6.10
CA LEU B 141 -15.00 8.62 -7.11
C LEU B 141 -14.57 9.51 -8.28
N SER B 142 -14.55 10.83 -8.05
CA SER B 142 -14.11 11.74 -9.10
C SER B 142 -12.62 11.96 -8.96
N CYS B 143 -11.93 12.21 -10.07
CA CYS B 143 -10.49 12.44 -10.04
C CYS B 143 -10.13 13.92 -10.02
N LYS B 144 -9.06 14.24 -9.30
CA LYS B 144 -8.58 15.61 -9.23
C LYS B 144 -7.08 15.52 -9.41
N ILE B 145 -6.53 16.42 -10.21
CA ILE B 145 -5.09 16.45 -10.45
C ILE B 145 -4.38 17.03 -9.24
N ALA B 146 -3.20 16.48 -8.95
CA ALA B 146 -2.40 16.96 -7.83
C ALA B 146 -0.92 16.72 -8.09
N ASP B 147 -0.09 17.25 -7.18
CA ASP B 147 1.34 17.08 -7.27
C ASP B 147 1.86 17.11 -5.83
N PHE B 148 2.12 15.94 -5.26
CA PHE B 148 2.59 15.86 -3.88
C PHE B 148 4.10 16.05 -3.76
N GLY B 149 4.80 15.78 -4.85
CA GLY B 149 6.23 15.87 -4.82
C GLY B 149 6.66 14.51 -4.31
N LEU B 150 6.43 14.30 -3.01
CA LEU B 150 6.76 13.05 -2.32
C LEU B 150 5.52 12.19 -2.10
N ALA B 151 4.93 12.30 -0.90
CA ALA B 151 3.75 11.53 -0.56
C ALA B 151 2.80 12.34 0.33
N PRO B 168 10.78 8.34 -10.97
CA PRO B 168 11.94 8.27 -11.86
C PRO B 168 11.69 8.57 -13.35
N ILE B 169 12.01 7.59 -14.20
CA ILE B 169 11.91 7.73 -15.66
C ILE B 169 10.63 7.36 -16.42
N LYS B 170 10.15 6.16 -16.15
CA LYS B 170 9.00 5.58 -16.81
C LYS B 170 7.77 6.41 -17.24
N TRP B 171 7.56 7.57 -16.64
CA TRP B 171 6.43 8.43 -17.02
C TRP B 171 6.92 9.65 -17.78
N THR B 172 8.24 9.77 -17.95
CA THR B 172 8.81 10.93 -18.60
C THR B 172 9.14 10.74 -20.07
N ALA B 173 8.78 11.74 -20.88
CA ALA B 173 9.02 11.74 -22.32
C ALA B 173 10.51 11.81 -22.68
N PRO B 174 10.89 11.26 -23.84
CA PRO B 174 12.26 11.22 -24.36
C PRO B 174 13.04 12.54 -24.28
N GLU B 175 12.46 13.63 -24.78
CA GLU B 175 13.16 14.92 -24.74
C GLU B 175 13.26 15.48 -23.31
N ALA B 176 12.47 14.94 -22.40
CA ALA B 176 12.48 15.42 -21.03
C ALA B 176 13.59 14.76 -20.23
N ILE B 177 13.89 13.51 -20.59
CA ILE B 177 14.95 12.76 -19.95
C ILE B 177 16.23 13.26 -20.60
N ASN B 178 16.37 12.96 -21.89
CA ASN B 178 17.54 13.34 -22.68
C ASN B 178 18.00 14.81 -22.54
N TYR B 179 17.08 15.77 -22.59
CA TYR B 179 17.48 17.19 -22.47
C TYR B 179 16.82 17.98 -21.34
N GLY B 180 15.93 17.34 -20.59
CA GLY B 180 15.28 18.05 -19.51
C GLY B 180 14.33 19.11 -20.07
N THR B 181 13.73 18.80 -21.22
CA THR B 181 12.78 19.71 -21.86
C THR B 181 11.32 19.33 -21.55
N PHE B 182 10.79 19.81 -20.43
CA PHE B 182 9.42 19.52 -20.04
C PHE B 182 8.46 20.57 -20.65
N THR B 183 7.40 20.08 -21.29
CA THR B 183 6.39 20.95 -21.90
C THR B 183 5.05 20.26 -21.71
N ILE B 184 3.98 20.92 -22.13
CA ILE B 184 2.65 20.35 -22.02
C ILE B 184 2.58 19.08 -22.88
N LYS B 185 3.42 19.02 -23.91
CA LYS B 185 3.49 17.85 -24.80
C LYS B 185 4.25 16.75 -24.07
N SER B 186 5.06 17.17 -23.11
CA SER B 186 5.82 16.25 -22.31
C SER B 186 4.88 15.67 -21.28
N ASP B 187 3.83 16.42 -20.93
CA ASP B 187 2.81 15.98 -19.98
C ASP B 187 1.87 14.97 -20.68
N VAL B 188 1.53 15.27 -21.93
CA VAL B 188 0.65 14.41 -22.73
C VAL B 188 1.23 13.01 -22.81
N TRP B 189 2.54 12.92 -23.02
CA TRP B 189 3.19 11.62 -23.09
C TRP B 189 2.93 10.91 -21.77
N SER B 190 3.21 11.60 -20.67
CA SER B 190 3.00 11.02 -19.34
C SER B 190 1.57 10.56 -19.25
N PHE B 191 0.65 11.40 -19.75
CA PHE B 191 -0.77 11.08 -19.73
C PHE B 191 -1.03 9.75 -20.41
N GLY B 192 -0.29 9.49 -21.48
CA GLY B 192 -0.45 8.23 -22.19
C GLY B 192 0.00 7.11 -21.28
N ILE B 193 1.05 7.35 -20.52
CA ILE B 193 1.54 6.33 -19.62
C ILE B 193 0.51 6.13 -18.50
N LEU B 194 -0.07 7.23 -18.04
CA LEU B 194 -1.06 7.17 -16.97
C LEU B 194 -2.26 6.31 -17.40
N LEU B 195 -2.64 6.41 -18.67
CA LEU B 195 -3.76 5.61 -19.14
C LEU B 195 -3.49 4.11 -18.95
N THR B 196 -2.25 3.68 -19.12
CA THR B 196 -1.95 2.25 -18.92
C THR B 196 -2.15 1.87 -17.46
N GLU B 197 -1.77 2.76 -16.53
CA GLU B 197 -1.97 2.51 -15.11
C GLU B 197 -3.46 2.33 -14.83
N ILE B 198 -4.28 3.15 -15.48
CA ILE B 198 -5.72 3.08 -15.29
C ILE B 198 -6.33 1.77 -15.78
N VAL B 199 -6.16 1.47 -17.07
CA VAL B 199 -6.72 0.24 -17.63
C VAL B 199 -6.26 -1.01 -16.87
N THR B 200 -4.99 -1.04 -16.44
CA THR B 200 -4.48 -2.20 -15.71
C THR B 200 -4.62 -2.09 -14.19
N HIS B 201 -5.49 -1.20 -13.73
CA HIS B 201 -5.73 -1.03 -12.30
C HIS B 201 -4.51 -0.88 -11.39
N GLY B 202 -3.51 -0.11 -11.82
CA GLY B 202 -2.34 0.10 -10.96
C GLY B 202 -1.01 -0.52 -11.33
N ARG B 203 -0.97 -1.31 -12.40
CA ARG B 203 0.27 -1.95 -12.82
C ARG B 203 1.34 -0.93 -13.19
N ILE B 204 2.60 -1.24 -12.89
CA ILE B 204 3.71 -0.35 -13.23
C ILE B 204 3.91 -0.42 -14.76
N PRO B 205 4.32 0.70 -15.39
CA PRO B 205 4.53 0.69 -16.85
C PRO B 205 5.82 -0.05 -17.19
N TYR B 206 5.90 -0.58 -18.40
CA TYR B 206 7.07 -1.35 -18.83
C TYR B 206 7.25 -2.46 -17.80
N PRO B 207 6.30 -3.40 -17.73
CA PRO B 207 6.36 -4.51 -16.78
C PRO B 207 7.65 -5.31 -16.85
N GLY B 208 8.52 -5.11 -15.87
CA GLY B 208 9.77 -5.85 -15.84
C GLY B 208 11.03 -5.12 -16.27
N MET B 209 10.89 -3.93 -16.83
CA MET B 209 12.07 -3.19 -17.25
C MET B 209 12.59 -2.23 -16.18
N THR B 210 13.91 -2.17 -16.04
CA THR B 210 14.55 -1.30 -15.06
C THR B 210 14.57 0.10 -15.66
N ASN B 211 14.79 1.12 -14.84
CA ASN B 211 14.82 2.48 -15.36
C ASN B 211 15.94 2.62 -16.36
N PRO B 212 16.89 1.68 -16.30
CA PRO B 212 17.99 1.72 -17.25
C PRO B 212 17.48 1.09 -18.54
N GLU B 213 16.84 -0.07 -18.41
CA GLU B 213 16.31 -0.81 -19.56
C GLU B 213 15.26 -0.04 -20.38
N VAL B 214 14.35 0.64 -19.70
CA VAL B 214 13.35 1.39 -20.43
C VAL B 214 14.07 2.44 -21.29
N ILE B 215 14.97 3.22 -20.68
CA ILE B 215 15.71 4.23 -21.43
C ILE B 215 16.21 3.61 -22.73
N GLN B 216 16.74 2.39 -22.63
CA GLN B 216 17.26 1.70 -23.81
C GLN B 216 16.17 1.35 -24.81
N ASN B 217 15.15 0.63 -24.33
CA ASN B 217 14.08 0.22 -25.21
C ASN B 217 13.57 1.42 -25.99
N LEU B 218 13.26 2.49 -25.28
CA LEU B 218 12.76 3.72 -25.90
C LEU B 218 13.66 4.19 -27.04
N GLU B 219 14.97 4.01 -26.89
CA GLU B 219 15.92 4.43 -27.94
C GLU B 219 15.71 3.65 -29.23
N ARG B 220 15.08 2.49 -29.12
CA ARG B 220 14.84 1.62 -30.27
C ARG B 220 13.45 1.85 -30.82
N GLY B 221 12.81 2.95 -30.40
CA GLY B 221 11.47 3.26 -30.85
C GLY B 221 10.48 2.30 -30.26
N TYR B 222 10.80 1.78 -29.08
CA TYR B 222 9.92 0.82 -28.42
C TYR B 222 8.79 1.56 -27.68
N ARG B 223 7.61 0.93 -27.67
CA ARG B 223 6.43 1.47 -27.01
C ARG B 223 5.71 0.29 -26.38
N MET B 224 5.18 0.47 -25.18
CA MET B 224 4.46 -0.60 -24.51
C MET B 224 3.45 -1.25 -25.45
N VAL B 225 3.10 -2.49 -25.14
CA VAL B 225 2.12 -3.23 -25.93
C VAL B 225 0.73 -2.96 -25.37
N ARG B 226 -0.30 -3.18 -26.18
CA ARG B 226 -1.66 -2.97 -25.73
C ARG B 226 -1.95 -3.91 -24.56
N PRO B 227 -2.18 -3.35 -23.37
CA PRO B 227 -2.45 -4.19 -22.19
C PRO B 227 -3.63 -5.12 -22.43
N ASP B 228 -3.63 -6.26 -21.77
CA ASP B 228 -4.72 -7.22 -21.93
C ASP B 228 -6.05 -6.49 -21.74
N ASN B 229 -6.99 -6.80 -22.63
CA ASN B 229 -8.32 -6.22 -22.61
C ASN B 229 -8.43 -4.72 -22.95
N CYS B 230 -7.30 -4.01 -23.02
CA CYS B 230 -7.36 -2.59 -23.35
C CYS B 230 -7.98 -2.36 -24.74
N PRO B 231 -9.15 -1.71 -24.79
CA PRO B 231 -9.84 -1.45 -26.08
C PRO B 231 -8.86 -0.83 -27.08
N GLU B 232 -8.67 -1.48 -28.22
CA GLU B 232 -7.75 -1.00 -29.25
C GLU B 232 -7.81 0.52 -29.46
N GLU B 233 -9.00 1.08 -29.51
CA GLU B 233 -9.13 2.53 -29.72
C GLU B 233 -8.40 3.32 -28.63
N LEU B 234 -8.50 2.84 -27.39
CA LEU B 234 -7.86 3.50 -26.28
C LEU B 234 -6.34 3.43 -26.47
N TYR B 235 -5.89 2.28 -26.95
CA TYR B 235 -4.49 2.02 -27.22
C TYR B 235 -3.96 2.92 -28.35
N GLN B 236 -4.77 3.14 -29.37
CA GLN B 236 -4.32 4.00 -30.44
C GLN B 236 -4.12 5.39 -29.85
N LEU B 237 -5.02 5.77 -28.94
CA LEU B 237 -4.94 7.06 -28.30
C LEU B 237 -3.62 7.12 -27.52
N MET B 238 -3.25 6.00 -26.91
CA MET B 238 -1.99 5.93 -26.18
C MET B 238 -0.84 6.12 -27.15
N ARG B 239 -0.97 5.56 -28.34
CA ARG B 239 0.08 5.68 -29.34
C ARG B 239 0.31 7.13 -29.76
N LEU B 240 -0.75 7.94 -29.75
CA LEU B 240 -0.62 9.35 -30.13
C LEU B 240 0.11 10.13 -29.04
N CYS B 241 -0.11 9.74 -27.79
CA CYS B 241 0.55 10.41 -26.68
C CYS B 241 2.03 10.07 -26.69
N TRP B 242 2.36 8.93 -27.31
CA TRP B 242 3.75 8.50 -27.37
C TRP B 242 4.42 8.75 -28.73
N LYS B 243 3.95 9.74 -29.50
CA LYS B 243 4.62 9.99 -30.77
C LYS B 243 6.00 10.53 -30.40
N GLU B 244 7.02 10.12 -31.16
CA GLU B 244 8.39 10.56 -30.90
C GLU B 244 8.45 12.08 -30.72
N ARG B 245 8.02 12.81 -31.75
CA ARG B 245 8.05 14.26 -31.72
C ARG B 245 6.96 14.91 -30.87
N PRO B 246 7.34 15.85 -30.01
CA PRO B 246 6.40 16.56 -29.13
C PRO B 246 5.22 17.16 -29.91
N GLU B 247 5.52 17.75 -31.07
CA GLU B 247 4.52 18.41 -31.91
C GLU B 247 3.49 17.45 -32.47
N ASP B 248 3.85 16.20 -32.68
CA ASP B 248 2.89 15.26 -33.24
C ASP B 248 1.88 14.78 -32.21
N ARG B 249 2.22 14.91 -30.94
CA ARG B 249 1.33 14.49 -29.87
C ARG B 249 0.08 15.37 -29.81
N PRO B 250 -1.07 14.81 -29.44
CA PRO B 250 -2.31 15.59 -29.34
C PRO B 250 -2.38 16.56 -28.16
N THR B 251 -3.44 17.37 -28.17
CA THR B 251 -3.70 18.35 -27.13
C THR B 251 -4.66 17.71 -26.12
N PHE B 252 -4.64 18.21 -24.89
CA PHE B 252 -5.53 17.68 -23.87
C PHE B 252 -6.97 18.03 -24.22
N ASP B 253 -7.13 19.09 -25.01
CA ASP B 253 -8.44 19.51 -25.45
C ASP B 253 -9.03 18.39 -26.30
N TYR B 254 -8.18 17.84 -27.16
CA TYR B 254 -8.56 16.74 -28.05
C TYR B 254 -8.82 15.47 -27.22
N LEU B 255 -7.90 15.15 -26.33
CA LEU B 255 -8.01 13.97 -25.49
C LEU B 255 -9.30 13.95 -24.66
N ARG B 256 -9.61 15.05 -24.00
CA ARG B 256 -10.82 15.10 -23.20
C ARG B 256 -12.08 14.87 -24.05
N SER B 257 -12.07 15.35 -25.28
CA SER B 257 -13.24 15.16 -26.12
C SER B 257 -13.38 13.70 -26.52
N VAL B 258 -12.28 13.09 -26.93
CA VAL B 258 -12.30 11.71 -27.34
C VAL B 258 -12.67 10.77 -26.18
N LEU B 259 -12.22 11.09 -24.96
CA LEU B 259 -12.50 10.25 -23.81
C LEU B 259 -13.93 10.33 -23.29
N GLU B 260 -14.49 11.53 -23.24
CA GLU B 260 -15.85 11.71 -22.77
C GLU B 260 -16.82 11.05 -23.75
N ASP B 261 -16.40 10.93 -25.01
CA ASP B 261 -17.24 10.35 -26.03
C ASP B 261 -16.85 8.93 -26.44
N PHE B 262 -15.97 8.29 -25.67
CA PHE B 262 -15.54 6.93 -26.00
C PHE B 262 -16.74 5.95 -26.01
N PHE B 263 -17.65 6.10 -25.05
CA PHE B 263 -18.81 5.22 -25.02
C PHE B 263 -20.09 5.94 -25.43
N THR B 264 -19.95 6.83 -26.41
CA THR B 264 -21.08 7.58 -26.94
C THR B 264 -21.76 6.61 -27.92
N ALA B 265 -21.86 7.00 -29.19
CA ALA B 265 -22.48 6.14 -30.20
C ALA B 265 -22.45 6.79 -31.58
C22 1N8 C . -7.05 -16.14 2.17
C23 1N8 C . -6.99 -15.79 3.57
C11 1N8 C . -5.69 -15.54 4.14
C14 1N8 C . -5.54 -15.09 5.54
N3 1N8 C . -6.57 -15.32 6.42
C15 1N8 C . -6.75 -14.67 7.59
C20 1N8 C . -7.10 -15.44 8.73
C19 1N8 C . -7.32 -14.87 10.05
C18 1N8 C . -7.18 -13.46 10.16
C17 1N8 C . -6.81 -12.66 8.99
C16 1N8 C . -6.60 -13.27 7.68
C21 1N8 C . -6.66 -11.11 9.11
F1 1N8 C . -6.89 -10.41 8.01
F2 1N8 C . -5.47 -10.77 9.52
F3 1N8 C . -7.53 -10.64 9.96
O1 1N8 C . -4.55 -14.51 5.93
C12 1N8 C . -4.48 -15.64 3.34
C13 1N8 C . -4.51 -15.98 1.93
C24 1N8 C . -5.82 -16.21 1.40
C25 1N8 C . -6.00 -16.53 -0.03
N4 1N8 C . -7.21 -16.77 8.47
C26 1N8 C . -7.95 -17.66 9.19
C27 1N8 C . -7.53 -19.10 8.98
N6 1N8 C . -7.72 -19.86 10.22
C28 1N8 C . -6.54 -20.71 10.50
C29 1N8 C . -8.94 -20.70 10.24
C30 1N8 C . -6.26 -20.63 11.99
C5 1N8 C . -9.36 -21.16 8.85
N1 1N8 C . 0.37 -13.39 -0.98
C2 1N8 C . -0.85 -13.43 -0.40
C3 1N8 C . -1.39 -14.66 0.06
C4 1N8 C . -0.57 -15.90 -0.14
N5 1N8 C . 0.68 -15.74 -0.76
C6 1N8 C . 1.12 -14.51 -1.16
C7 1N8 C . -2.67 -14.76 0.70
C8 1N8 C . -3.21 -16.03 1.20
C9 1N8 C . -2.41 -17.25 0.99
C10 1N8 C . -1.09 -17.19 0.33
N2 1N8 C . 2.30 -14.36 -1.79
C1 1N8 C . 3.25 -15.45 -2.02
O2 1N8 C . -8.86 -17.34 9.95
C22 1N8 D . -0.87 20.57 -0.50
C23 1N8 D . -0.59 20.72 -1.90
C11 1N8 D . -0.90 19.59 -2.75
C14 1N8 D . -0.65 19.62 -4.20
N3 1N8 D . 0.14 20.60 -4.69
C15 1N8 D . 0.14 21.00 -5.98
C20 1N8 D . 1.40 21.33 -6.56
C19 1N8 D . 1.51 21.80 -7.92
C18 1N8 D . 0.33 21.91 -8.69
C17 1N8 D . -0.96 21.55 -8.12
C16 1N8 D . -1.08 21.09 -6.74
C21 1N8 D . -2.22 21.61 -9.05
F1 1N8 D . -3.34 21.86 -8.42
F2 1N8 D . -2.11 22.52 -9.98
F3 1N8 D . -2.39 20.47 -9.67
O1 1N8 D . -1.12 18.77 -4.94
C12 1N8 D . -1.46 18.35 -2.25
C13 1N8 D . -1.74 18.20 -0.84
C24 1N8 D . -1.45 19.33 -0.01
C25 1N8 D . -1.71 19.33 1.45
N4 1N8 D . 2.52 21.15 -5.76
C26 1N8 D . 3.83 21.49 -5.99
C27 1N8 D . 4.83 20.52 -5.36
N6 1N8 D . 6.25 20.87 -5.58
C28 1N8 D . 7.06 19.62 -5.59
C29 1N8 D . 6.85 21.62 -4.43
C30 1N8 D . 7.29 19.10 -7.02
C5 1N8 D . 5.93 22.73 -3.92
N1 1N8 D . -6.23 13.98 0.47
C2 1N8 D . -5.74 15.19 0.08
C3 1N8 D . -4.35 15.41 0.02
C4 1N8 D . -3.46 14.26 0.41
N5 1N8 D . -4.04 13.07 0.77
C6 1N8 D . -5.42 12.95 0.81
C7 1N8 D . -3.76 16.67 -0.37
C8 1N8 D . -2.30 16.88 -0.40
C9 1N8 D . -1.43 15.76 -0.02
C10 1N8 D . -2.01 14.45 0.38
N2 1N8 D . -6.06 11.83 1.20
C1 1N8 D . -5.38 10.61 1.65
O2 1N8 D . 4.19 22.47 -6.64
#